data_1A35
#
_entry.id   1A35
#
_cell.length_a   71.800
_cell.length_b   66.300
_cell.length_c   71.800
_cell.angle_alpha   90.00
_cell.angle_beta   98.40
_cell.angle_gamma   90.00
#
_symmetry.space_group_name_H-M   'P 1 21 1'
#
loop_
_entity.id
_entity.type
_entity.pdbx_description
1 polymer "DNA (5'-D(*AP*AP*AP*AP*AP*GP*AP*CP*TP*TP*AP*GP*AP*AP*AP*AP*AP*(BRU)P*(BRU)P*TP*TP*T)-3')"
2 polymer "DNA (5'-D(*AP*AP*AP*AP*AP*TP*+UP*+UP*+UP*+UP*CP*+UP*AP*AP*GP*TP*CP*TP*TP*TP*+ UP*T)-3')"
3 polymer 'PROTEIN (DNA TOPOISOMERASE I)'
4 water water
#
loop_
_entity_poly.entity_id
_entity_poly.type
_entity_poly.pdbx_seq_one_letter_code
_entity_poly.pdbx_strand_id
1 'polydeoxyribonucleotide'
;(DA)(DA)(DA)(DA)(DA)(DG)(DA)(DC)(DT)(DT)(DA)(DG)(DA)(DA)(DA)(DA)(DA)(BRU)(BRU)
(DT)(DT)(DT)
;
C
2 'polydeoxyribonucleotide'
;(DA)(DA)(DA)(DA)(DA)(DT)(BRU)(BRU)(BRU)(BRU)(DC)(BRU)(DA)(DA)(DG)(DT)(DC)(DT)
(DT)(DT)(BRU)(DT)
;
D
3 'polypeptide(L)'
;KPKNKDKDKKVPEPDNKKKKPKKEEEQKWKWWEEERYPEGIKWKFLEHKGPVFAPPYEPLPENVKFYYDGKVMKLSPKAE
EVATFFAKMLDHEYTTKEIFRKNFFKDWRKEMTNEEKNIITNLSKCDFTQMSQYFKAQTEARKQMSKEEKLKIKEENEKL
LKEYGFCIMDNHKERIANFKIEPPGLFRGRGNHPKMGMLKRRIMPEDIIINCSKDAKVPSPPPGHKWKEVRHDNKVTWLV
SWTENIQGSIKYIMLNPSSRIKGEKDWQKYETARRLKKCVDKIRNQYREDWKSKEMKVRQRAVALYFIDKLALRAGNEKE
EGETADTVGCCSLRVEHINLHPELDGQEYVVEFDFLGKDSIRYYNKVPVEKRVFKNLQLFMENKQPEDDLFDRLNTGILN
KHLQDLMEGLTAKVFRTYNASITLQQQLKELTAPDENIPAKILSYNRANRAVAILCNHQRAPPKTFEKSMMNLQTKIDAK
KEQLADARRDLKSAKADAKVMKDAKTKKVVESKKKAVQRLEEQLMKLEVQATDREENKQIALGTSKLNFLDPRITVAWCK
KWGVPIEKIYNKTQREKFAWAIDMADEDYEF
;
A
#
# COMPACT_ATOMS: atom_id res chain seq x y z
N ILE C 41 -24.80 4.61 6.50
CA ILE C 41 -25.15 3.70 5.35
C ILE C 41 -24.26 3.96 4.12
N LYS C 42 -23.99 2.87 3.40
CA LYS C 42 -23.12 2.89 2.21
C LYS C 42 -23.81 2.47 0.89
N TRP C 43 -24.98 1.84 1.02
CA TRP C 43 -25.74 1.37 -0.13
C TRP C 43 -27.08 0.83 0.31
N LYS C 44 -28.06 0.84 -0.58
CA LYS C 44 -29.34 0.29 -0.22
C LYS C 44 -29.51 -1.07 -0.82
N PHE C 45 -28.88 -1.29 -1.97
CA PHE C 45 -28.98 -2.58 -2.62
C PHE C 45 -27.58 -3.03 -3.00
N LEU C 46 -27.33 -4.33 -2.92
CA LEU C 46 -26.03 -4.88 -3.26
C LEU C 46 -26.14 -6.35 -3.67
N GLU C 47 -25.72 -6.63 -4.88
CA GLU C 47 -25.76 -7.99 -5.40
C GLU C 47 -24.48 -8.27 -6.14
N HIS C 48 -23.98 -9.49 -6.03
CA HIS C 48 -22.75 -9.87 -6.70
C HIS C 48 -22.58 -11.37 -6.78
N LYS C 49 -21.59 -11.78 -7.56
CA LYS C 49 -21.30 -13.18 -7.80
C LYS C 49 -20.34 -13.83 -6.82
N GLY C 50 -19.78 -13.06 -5.91
CA GLY C 50 -18.83 -13.66 -4.98
C GLY C 50 -17.43 -13.77 -5.60
N PRO C 51 -16.46 -14.24 -4.79
CA PRO C 51 -15.04 -14.41 -5.17
C PRO C 51 -14.78 -15.51 -6.15
N VAL C 52 -13.66 -15.41 -6.83
CA VAL C 52 -13.24 -16.44 -7.76
C VAL C 52 -12.12 -17.14 -7.00
N PHE C 53 -12.27 -18.44 -6.78
CA PHE C 53 -11.26 -19.20 -6.07
C PHE C 53 -10.04 -19.58 -6.87
N ALA C 54 -8.90 -19.72 -6.19
CA ALA C 54 -7.64 -20.06 -6.83
C ALA C 54 -7.69 -21.40 -7.55
N PRO C 55 -6.95 -21.54 -8.65
CA PRO C 55 -6.95 -22.78 -9.40
C PRO C 55 -6.45 -23.88 -8.50
N PRO C 56 -6.98 -25.06 -8.68
CA PRO C 56 -6.48 -26.13 -7.81
C PRO C 56 -5.07 -26.44 -8.27
N TYR C 57 -4.24 -26.93 -7.36
CA TYR C 57 -2.86 -27.29 -7.67
C TYR C 57 -2.77 -28.42 -8.68
N GLU C 58 -1.92 -28.24 -9.66
CA GLU C 58 -1.74 -29.30 -10.64
C GLU C 58 -0.42 -29.99 -10.37
N PRO C 59 -0.47 -31.27 -10.06
CA PRO C 59 0.68 -32.13 -9.75
C PRO C 59 1.79 -32.14 -10.80
N LEU C 60 3.01 -32.33 -10.33
CA LEU C 60 4.16 -32.38 -11.21
C LEU C 60 4.23 -33.60 -12.09
N PRO C 61 4.89 -33.45 -13.24
CA PRO C 61 5.04 -34.55 -14.20
C PRO C 61 5.92 -35.60 -13.55
N GLU C 62 5.75 -36.84 -13.99
CA GLU C 62 6.53 -37.95 -13.48
C GLU C 62 7.97 -37.75 -13.87
N ASN C 63 8.18 -37.09 -15.00
CA ASN C 63 9.53 -36.87 -15.44
C ASN C 63 10.25 -35.83 -14.58
N VAL C 64 9.52 -34.88 -13.99
CA VAL C 64 10.14 -33.85 -13.16
C VAL C 64 10.32 -34.34 -11.73
N LYS C 65 11.58 -34.48 -11.32
CA LYS C 65 11.89 -35.03 -10.01
C LYS C 65 12.56 -34.12 -9.01
N PHE C 66 12.46 -34.52 -7.74
CA PHE C 66 13.04 -33.81 -6.60
C PHE C 66 14.13 -34.66 -6.00
N TYR C 67 15.28 -34.04 -5.72
CA TYR C 67 16.40 -34.75 -5.12
C TYR C 67 16.74 -34.27 -3.71
N TYR C 68 16.97 -35.24 -2.83
CA TYR C 68 17.39 -34.94 -1.48
C TYR C 68 18.61 -35.77 -1.15
N ASP C 69 19.70 -35.08 -0.86
CA ASP C 69 20.95 -35.71 -0.51
C ASP C 69 21.30 -36.71 -1.60
N GLY C 70 21.16 -36.26 -2.85
CA GLY C 70 21.47 -37.10 -4.00
C GLY C 70 20.42 -38.10 -4.46
N LYS C 71 19.48 -38.44 -3.58
CA LYS C 71 18.44 -39.38 -3.92
C LYS C 71 17.17 -38.68 -4.44
N VAL C 72 16.40 -39.40 -5.24
CA VAL C 72 15.15 -38.87 -5.76
C VAL C 72 14.10 -39.04 -4.65
N MET C 73 13.03 -38.24 -4.70
CA MET C 73 12.00 -38.32 -3.68
C MET C 73 10.63 -37.90 -4.20
N LYS C 74 9.70 -38.84 -4.30
CA LYS C 74 8.35 -38.51 -4.79
C LYS C 74 7.65 -37.86 -3.61
N LEU C 75 7.68 -36.53 -3.53
CA LEU C 75 7.04 -35.84 -2.42
C LEU C 75 5.50 -35.94 -2.42
N SER C 76 4.92 -36.09 -1.23
CA SER C 76 3.46 -36.16 -1.10
C SER C 76 2.92 -34.92 -1.81
N PRO C 77 1.69 -34.99 -2.36
CA PRO C 77 1.10 -33.85 -3.06
C PRO C 77 1.13 -32.52 -2.33
N LYS C 78 0.92 -32.56 -1.02
CA LYS C 78 0.93 -31.34 -0.23
C LYS C 78 2.36 -30.80 -0.03
N ALA C 79 3.34 -31.69 0.13
CA ALA C 79 4.73 -31.29 0.30
C ALA C 79 5.30 -30.95 -1.07
N GLU C 80 4.72 -31.54 -2.11
CA GLU C 80 5.19 -31.25 -3.45
C GLU C 80 4.72 -29.86 -3.79
N GLU C 81 3.52 -29.53 -3.39
CA GLU C 81 2.98 -28.23 -3.70
C GLU C 81 3.82 -27.12 -3.08
N VAL C 82 4.06 -27.22 -1.80
CA VAL C 82 4.84 -26.20 -1.12
C VAL C 82 6.23 -26.02 -1.75
N ALA C 83 6.84 -27.14 -2.09
CA ALA C 83 8.15 -27.15 -2.70
C ALA C 83 8.15 -26.35 -4.00
N THR C 84 7.05 -26.45 -4.74
CA THR C 84 6.93 -25.73 -6.01
C THR C 84 6.89 -24.23 -5.77
N PHE C 85 6.23 -23.81 -4.71
CA PHE C 85 6.16 -22.39 -4.41
C PHE C 85 7.59 -21.92 -4.32
N PHE C 86 8.42 -22.68 -3.61
CA PHE C 86 9.81 -22.33 -3.44
C PHE C 86 10.57 -22.36 -4.75
N ALA C 87 10.34 -23.40 -5.54
CA ALA C 87 11.01 -23.56 -6.82
C ALA C 87 10.78 -22.39 -7.77
N LYS C 88 9.53 -21.97 -7.91
CA LYS C 88 9.22 -20.85 -8.79
C LYS C 88 9.86 -19.55 -8.29
N MET C 89 10.53 -19.61 -7.15
CA MET C 89 11.15 -18.43 -6.59
C MET C 89 12.65 -18.50 -6.48
N LEU C 90 13.24 -19.61 -6.95
CA LEU C 90 14.68 -19.83 -6.89
C LEU C 90 15.47 -18.83 -7.70
N ASP C 91 14.77 -18.10 -8.55
CA ASP C 91 15.39 -17.08 -9.36
C ASP C 91 15.17 -15.76 -8.68
N HIS C 92 14.71 -15.79 -7.44
CA HIS C 92 14.44 -14.57 -6.69
C HIS C 92 15.25 -14.34 -5.40
N GLU C 93 15.56 -13.06 -5.16
CA GLU C 93 16.31 -12.63 -3.98
C GLU C 93 15.76 -13.19 -2.67
N TYR C 94 14.45 -13.45 -2.66
CA TYR C 94 13.79 -13.98 -1.50
C TYR C 94 14.41 -15.28 -1.03
N THR C 95 14.74 -16.16 -1.98
CA THR C 95 15.33 -17.46 -1.62
C THR C 95 16.75 -17.40 -1.12
N THR C 96 17.35 -16.23 -1.12
CA THR C 96 18.72 -16.08 -0.64
C THR C 96 18.74 -15.57 0.82
N LYS C 97 17.62 -15.01 1.27
CA LYS C 97 17.48 -14.50 2.63
C LYS C 97 17.32 -15.67 3.58
N GLU C 98 18.06 -15.61 4.66
CA GLU C 98 18.01 -16.66 5.63
C GLU C 98 16.71 -16.73 6.43
N ILE C 99 15.98 -15.63 6.50
CA ILE C 99 14.70 -15.61 7.22
C ILE C 99 13.65 -16.36 6.41
N PHE C 100 13.68 -16.13 5.11
CA PHE C 100 12.75 -16.74 4.17
C PHE C 100 12.92 -18.27 4.15
N ARG C 101 14.16 -18.69 4.00
CA ARG C 101 14.54 -20.10 3.94
C ARG C 101 14.13 -20.86 5.19
N LYS C 102 14.35 -20.25 6.34
CA LYS C 102 14.01 -20.87 7.62
C LYS C 102 12.50 -20.91 7.82
N ASN C 103 11.85 -19.83 7.45
CA ASN C 103 10.41 -19.79 7.60
C ASN C 103 9.80 -20.80 6.66
N PHE C 104 10.29 -20.77 5.42
CA PHE C 104 9.80 -21.67 4.42
C PHE C 104 10.04 -23.10 4.86
N PHE C 105 11.29 -23.40 5.23
CA PHE C 105 11.65 -24.75 5.62
C PHE C 105 10.77 -25.31 6.75
N LYS C 106 10.62 -24.54 7.81
CA LYS C 106 9.79 -24.94 8.95
C LYS C 106 8.34 -25.26 8.53
N ASP C 107 7.72 -24.32 7.82
CA ASP C 107 6.34 -24.44 7.36
C ASP C 107 6.16 -25.59 6.39
N TRP C 108 7.19 -25.87 5.59
CA TRP C 108 7.12 -26.95 4.62
C TRP C 108 7.01 -28.25 5.41
N ARG C 109 7.86 -28.42 6.42
CA ARG C 109 7.82 -29.63 7.23
C ARG C 109 6.43 -29.87 7.83
N LYS C 110 5.80 -28.82 8.33
CA LYS C 110 4.46 -28.95 8.90
C LYS C 110 3.49 -29.57 7.90
N GLU C 111 3.90 -29.75 6.65
CA GLU C 111 3.04 -30.34 5.62
C GLU C 111 3.48 -31.74 5.23
N MET C 112 4.76 -32.04 5.40
CA MET C 112 5.28 -33.34 5.02
C MET C 112 4.65 -34.52 5.78
N THR C 113 4.85 -35.71 5.25
CA THR C 113 4.37 -36.93 5.89
C THR C 113 5.37 -37.20 6.98
N ASN C 114 5.01 -38.06 7.92
CA ASN C 114 5.93 -38.36 9.02
C ASN C 114 7.28 -38.83 8.54
N GLU C 115 7.30 -39.41 7.35
CA GLU C 115 8.51 -39.94 6.72
C GLU C 115 9.42 -38.88 6.10
N GLU C 116 8.83 -37.84 5.50
CA GLU C 116 9.61 -36.77 4.87
C GLU C 116 10.33 -35.95 5.94
N LYS C 117 9.69 -35.89 7.11
CA LYS C 117 10.25 -35.17 8.24
C LYS C 117 11.49 -35.90 8.76
N ASN C 118 11.54 -37.21 8.57
CA ASN C 118 12.66 -38.00 9.04
C ASN C 118 13.80 -37.85 8.06
N ILE C 119 13.46 -37.83 6.78
CA ILE C 119 14.46 -37.70 5.73
C ILE C 119 14.92 -36.26 5.47
N ILE C 120 14.01 -35.43 4.95
CA ILE C 120 14.34 -34.06 4.62
C ILE C 120 14.60 -33.18 5.86
N THR C 121 15.82 -33.20 6.36
CA THR C 121 16.12 -32.40 7.53
C THR C 121 17.03 -31.22 7.25
N ASN C 122 17.52 -31.12 6.02
CA ASN C 122 18.41 -30.03 5.65
C ASN C 122 18.05 -29.41 4.32
N LEU C 123 17.68 -28.12 4.36
CA LEU C 123 17.33 -27.40 3.14
C LEU C 123 18.49 -27.45 2.13
N SER C 124 19.70 -27.29 2.64
CA SER C 124 20.91 -27.30 1.85
C SER C 124 21.06 -28.63 1.09
N LYS C 125 20.29 -29.63 1.48
CA LYS C 125 20.38 -30.90 0.79
C LYS C 125 19.23 -31.13 -0.20
N CYS C 126 18.32 -30.18 -0.30
CA CYS C 126 17.20 -30.31 -1.22
C CYS C 126 17.57 -29.74 -2.57
N ASP C 127 17.19 -30.44 -3.63
CA ASP C 127 17.47 -29.97 -4.98
C ASP C 127 16.16 -29.69 -5.68
N PHE C 128 15.86 -28.40 -5.86
CA PHE C 128 14.65 -27.95 -6.52
C PHE C 128 14.90 -27.48 -7.97
N THR C 129 16.10 -27.75 -8.49
CA THR C 129 16.47 -27.32 -9.83
C THR C 129 15.63 -27.88 -11.01
N GLN C 130 15.47 -29.20 -11.09
CA GLN C 130 14.70 -29.80 -12.19
C GLN C 130 13.33 -29.16 -12.21
N MET C 131 12.74 -29.15 -11.03
CA MET C 131 11.44 -28.60 -10.73
C MET C 131 11.44 -27.10 -11.12
N SER C 132 12.51 -26.41 -10.76
CA SER C 132 12.69 -25.00 -11.03
C SER C 132 12.68 -24.74 -12.53
N GLN C 133 13.39 -25.58 -13.26
CA GLN C 133 13.48 -25.47 -14.70
C GLN C 133 12.18 -25.72 -15.43
N TYR C 134 11.35 -26.63 -14.90
CA TYR C 134 10.07 -26.95 -15.52
C TYR C 134 9.15 -25.74 -15.58
N PHE C 135 9.04 -25.01 -14.49
CA PHE C 135 8.20 -23.82 -14.48
C PHE C 135 8.77 -22.72 -15.36
N LYS C 136 10.08 -22.56 -15.28
CA LYS C 136 10.79 -21.58 -16.10
C LYS C 136 10.42 -21.88 -17.55
N ALA C 137 10.41 -23.17 -17.86
CA ALA C 137 10.08 -23.64 -19.18
C ALA C 137 8.68 -23.16 -19.47
N GLN C 138 7.75 -23.57 -18.62
CA GLN C 138 6.36 -23.22 -18.78
C GLN C 138 6.18 -21.74 -19.08
N THR C 139 6.90 -20.90 -18.38
CA THR C 139 6.78 -19.49 -18.63
C THR C 139 7.13 -19.18 -20.08
N GLU C 140 8.24 -19.74 -20.54
CA GLU C 140 8.64 -19.49 -21.90
C GLU C 140 7.63 -20.08 -22.87
N ALA C 141 7.10 -21.24 -22.55
CA ALA C 141 6.13 -21.87 -23.43
C ALA C 141 4.84 -21.07 -23.40
N ARG C 142 4.88 -19.93 -22.74
CA ARG C 142 3.73 -19.04 -22.67
C ARG C 142 4.09 -17.80 -23.45
N LYS C 143 5.33 -17.32 -23.27
CA LYS C 143 5.82 -16.16 -24.00
C LYS C 143 5.79 -16.56 -25.48
N GLN C 144 5.91 -17.86 -25.71
CA GLN C 144 5.93 -18.42 -27.06
C GLN C 144 4.66 -19.19 -27.44
N MET C 145 3.50 -18.56 -27.22
CA MET C 145 2.23 -19.17 -27.59
C MET C 145 1.80 -18.59 -28.91
N SER C 146 1.02 -19.38 -29.64
CA SER C 146 0.51 -18.96 -30.93
C SER C 146 -0.55 -17.88 -30.71
N LYS C 147 -0.77 -17.05 -31.72
CA LYS C 147 -1.77 -15.97 -31.61
C LYS C 147 -3.13 -16.57 -31.28
N GLU C 148 -3.41 -17.73 -31.87
CA GLU C 148 -4.67 -18.43 -31.63
C GLU C 148 -4.75 -18.85 -30.18
N GLU C 149 -3.62 -19.30 -29.65
CA GLU C 149 -3.55 -19.71 -28.25
C GLU C 149 -3.80 -18.45 -27.40
N LYS C 150 -2.98 -17.43 -27.58
CA LYS C 150 -3.14 -16.22 -26.82
C LYS C 150 -4.59 -15.73 -26.89
N LEU C 151 -5.13 -15.58 -28.09
CA LEU C 151 -6.50 -15.12 -28.25
C LEU C 151 -7.48 -15.95 -27.46
N LYS C 152 -7.30 -17.25 -27.46
CA LYS C 152 -8.20 -18.10 -26.73
C LYS C 152 -8.22 -17.75 -25.24
N ILE C 153 -7.04 -17.62 -24.64
CA ILE C 153 -6.99 -17.32 -23.22
C ILE C 153 -7.44 -15.89 -22.90
N LYS C 154 -7.14 -14.95 -23.79
CA LYS C 154 -7.56 -13.57 -23.57
C LYS C 154 -9.09 -13.58 -23.37
N GLU C 155 -9.76 -14.41 -24.15
CA GLU C 155 -11.18 -14.48 -24.06
C GLU C 155 -11.68 -15.32 -22.90
N GLU C 156 -10.82 -16.21 -22.39
CA GLU C 156 -11.18 -17.02 -21.22
C GLU C 156 -11.26 -16.04 -20.04
N ASN C 157 -10.42 -15.01 -20.08
CA ASN C 157 -10.36 -13.95 -19.07
C ASN C 157 -11.53 -13.05 -19.16
N GLU C 158 -11.83 -12.65 -20.37
CA GLU C 158 -12.92 -11.75 -20.62
C GLU C 158 -14.19 -12.31 -20.04
N LYS C 159 -14.35 -13.62 -20.03
CA LYS C 159 -15.58 -14.23 -19.50
C LYS C 159 -15.63 -14.24 -17.97
N LEU C 160 -14.45 -14.33 -17.39
CA LEU C 160 -14.31 -14.32 -15.94
C LEU C 160 -14.62 -12.90 -15.48
N LEU C 161 -13.99 -11.93 -16.15
CA LEU C 161 -14.14 -10.50 -15.85
C LEU C 161 -15.57 -9.98 -16.02
N LYS C 162 -16.21 -10.38 -17.11
CA LYS C 162 -17.55 -9.95 -17.38
C LYS C 162 -18.54 -10.64 -16.44
N GLU C 163 -18.13 -11.78 -15.87
CA GLU C 163 -19.01 -12.52 -14.96
C GLU C 163 -18.85 -12.18 -13.47
N TYR C 164 -17.62 -12.17 -12.97
CA TYR C 164 -17.35 -11.88 -11.57
C TYR C 164 -16.66 -10.55 -11.39
N GLY C 165 -16.41 -9.86 -12.50
CA GLY C 165 -15.75 -8.57 -12.45
C GLY C 165 -16.66 -7.42 -12.08
N PHE C 166 -17.97 -7.66 -12.03
CA PHE C 166 -18.93 -6.62 -11.70
C PHE C 166 -19.97 -7.02 -10.67
N CYS C 167 -20.58 -6.01 -10.05
CA CYS C 167 -21.63 -6.24 -9.07
C CYS C 167 -22.72 -5.18 -9.30
N ILE C 168 -23.85 -5.34 -8.64
CA ILE C 168 -24.89 -4.35 -8.76
C ILE C 168 -24.97 -3.75 -7.39
N MET C 169 -24.75 -2.46 -7.35
CA MET C 169 -24.86 -1.74 -6.10
C MET C 169 -25.95 -0.74 -6.40
N ASP C 170 -27.00 -0.73 -5.56
CA ASP C 170 -28.13 0.16 -5.77
C ASP C 170 -28.58 -0.10 -7.20
N ASN C 171 -28.73 0.94 -8.01
CA ASN C 171 -29.21 0.73 -9.38
C ASN C 171 -28.20 0.61 -10.52
N HIS C 172 -26.90 0.62 -10.26
CA HIS C 172 -25.92 0.53 -11.35
C HIS C 172 -24.92 -0.62 -11.19
N LYS C 173 -24.34 -1.04 -12.30
CA LYS C 173 -23.35 -2.12 -12.27
C LYS C 173 -22.00 -1.49 -12.03
N GLU C 174 -21.27 -1.98 -11.02
CA GLU C 174 -19.97 -1.42 -10.70
C GLU C 174 -18.88 -2.43 -10.95
N ARG C 175 -17.66 -1.93 -11.09
CA ARG C 175 -16.50 -2.77 -11.31
C ARG C 175 -15.91 -3.18 -9.94
N ILE C 176 -15.59 -4.45 -9.81
CA ILE C 176 -15.02 -5.00 -8.58
C ILE C 176 -13.50 -5.07 -8.80
N ALA C 177 -12.72 -4.64 -7.82
CA ALA C 177 -11.27 -4.64 -7.93
C ALA C 177 -10.63 -6.03 -7.90
N ASN C 178 -10.43 -6.57 -6.69
CA ASN C 178 -9.82 -7.87 -6.51
C ASN C 178 -10.90 -8.91 -6.41
N PHE C 179 -11.40 -9.37 -7.55
CA PHE C 179 -12.45 -10.38 -7.48
C PHE C 179 -11.97 -11.82 -7.25
N LYS C 180 -10.66 -12.06 -7.34
CA LYS C 180 -10.10 -13.39 -7.13
C LYS C 180 -9.34 -13.52 -5.79
N ILE C 181 -9.51 -14.64 -5.12
CA ILE C 181 -8.85 -14.86 -3.86
C ILE C 181 -7.35 -15.07 -4.11
N GLU C 182 -6.53 -14.49 -3.21
CA GLU C 182 -5.08 -14.60 -3.27
C GLU C 182 -4.74 -16.06 -3.14
N PRO C 183 -3.98 -16.58 -4.10
CA PRO C 183 -3.53 -17.97 -4.20
C PRO C 183 -2.58 -18.40 -3.09
N PRO C 184 -2.54 -19.72 -2.77
CA PRO C 184 -1.61 -20.11 -1.70
C PRO C 184 -0.19 -19.89 -2.22
N GLY C 185 0.71 -19.51 -1.32
CA GLY C 185 2.10 -19.26 -1.73
C GLY C 185 2.96 -18.94 -0.51
N LEU C 186 4.20 -18.47 -0.72
CA LEU C 186 5.08 -18.13 0.40
C LEU C 186 4.97 -16.61 0.67
N PHE C 187 4.97 -16.22 1.94
CA PHE C 187 4.79 -14.81 2.30
C PHE C 187 5.93 -13.93 1.90
N ARG C 188 5.62 -12.86 1.21
CA ARG C 188 6.64 -11.96 0.75
C ARG C 188 6.57 -10.64 1.48
N GLY C 189 6.97 -10.69 2.75
CA GLY C 189 6.97 -9.50 3.57
C GLY C 189 8.15 -8.65 3.09
N ARG C 190 7.92 -7.35 2.98
CA ARG C 190 8.97 -6.44 2.54
C ARG C 190 9.96 -6.15 3.68
N GLY C 191 11.21 -5.82 3.35
CA GLY C 191 12.21 -5.53 4.37
C GLY C 191 12.78 -6.70 5.14
N ASN C 192 12.88 -6.55 6.45
CA ASN C 192 13.40 -7.64 7.29
C ASN C 192 12.21 -8.38 7.87
N HIS C 193 11.09 -8.35 7.16
CA HIS C 193 9.91 -9.00 7.68
C HIS C 193 10.23 -10.39 8.19
N PRO C 194 10.08 -10.58 9.49
CA PRO C 194 10.35 -11.84 10.18
C PRO C 194 9.42 -12.99 9.78
N LYS C 195 8.40 -12.67 9.01
CA LYS C 195 7.47 -13.71 8.60
C LYS C 195 7.56 -14.08 7.13
N MET C 196 8.50 -13.47 6.41
CA MET C 196 8.65 -13.79 5.00
C MET C 196 8.96 -15.28 4.80
N GLY C 197 8.44 -15.87 3.72
CA GLY C 197 8.70 -17.27 3.48
C GLY C 197 7.73 -18.21 4.15
N MET C 198 6.90 -17.66 5.05
CA MET C 198 5.89 -18.48 5.73
C MET C 198 4.82 -18.82 4.72
N LEU C 199 4.20 -19.97 4.88
CA LEU C 199 3.17 -20.39 3.95
C LEU C 199 1.83 -19.68 4.13
N LYS C 200 1.29 -19.22 3.01
CA LYS C 200 0.01 -18.54 2.92
C LYS C 200 -0.94 -19.60 2.36
N ARG C 201 -1.78 -20.14 3.24
CA ARG C 201 -2.70 -21.19 2.86
C ARG C 201 -3.81 -20.83 1.87
N ARG C 202 -4.33 -21.87 1.23
CA ARG C 202 -5.40 -21.76 0.24
C ARG C 202 -6.69 -21.46 0.97
N ILE C 203 -7.40 -20.43 0.51
CA ILE C 203 -8.67 -20.01 1.13
C ILE C 203 -9.91 -20.83 0.67
N MET C 204 -10.57 -21.52 1.60
CA MET C 204 -11.75 -22.31 1.24
C MET C 204 -13.01 -21.47 1.29
N PRO C 205 -14.08 -21.93 0.61
CA PRO C 205 -15.32 -21.15 0.64
C PRO C 205 -15.83 -21.03 2.06
N GLU C 206 -15.39 -21.96 2.90
CA GLU C 206 -15.75 -22.02 4.32
C GLU C 206 -15.04 -20.96 5.14
N ASP C 207 -14.22 -20.16 4.49
CA ASP C 207 -13.49 -19.08 5.16
C ASP C 207 -14.09 -17.75 4.74
N ILE C 208 -14.88 -17.80 3.67
CA ILE C 208 -15.50 -16.62 3.08
C ILE C 208 -16.81 -16.13 3.68
N ILE C 209 -16.84 -14.85 4.00
CA ILE C 209 -18.01 -14.18 4.53
C ILE C 209 -18.50 -13.33 3.37
N ILE C 210 -19.76 -13.52 2.97
CA ILE C 210 -20.35 -12.76 1.87
C ILE C 210 -21.15 -11.58 2.42
N ASN C 211 -21.13 -10.47 1.71
CA ASN C 211 -21.88 -9.28 2.12
C ASN C 211 -22.73 -8.85 0.93
N CYS C 212 -24.03 -8.67 1.17
CA CYS C 212 -24.96 -8.22 0.14
C CYS C 212 -26.27 -7.78 0.78
N SER C 213 -27.09 -7.04 0.05
CA SER C 213 -28.34 -6.59 0.61
C SER C 213 -29.23 -7.79 0.93
N LYS C 214 -30.14 -7.58 1.86
CA LYS C 214 -31.09 -8.58 2.32
C LYS C 214 -31.99 -9.07 1.19
N ASP C 215 -32.32 -8.18 0.28
CA ASP C 215 -33.18 -8.51 -0.86
C ASP C 215 -32.42 -9.07 -2.07
N ALA C 216 -31.15 -9.39 -1.89
CA ALA C 216 -30.35 -9.86 -3.00
C ALA C 216 -30.19 -11.37 -3.12
N LYS C 217 -29.91 -11.81 -4.35
CA LYS C 217 -29.69 -13.24 -4.59
C LYS C 217 -28.30 -13.53 -4.05
N VAL C 218 -28.22 -14.37 -3.02
CA VAL C 218 -26.94 -14.71 -2.41
C VAL C 218 -26.07 -15.54 -3.38
N PRO C 219 -24.81 -15.12 -3.61
CA PRO C 219 -23.96 -15.89 -4.51
C PRO C 219 -23.73 -17.31 -3.97
N SER C 220 -24.02 -18.28 -4.81
CA SER C 220 -23.87 -19.66 -4.42
C SER C 220 -22.41 -20.10 -4.47
N PRO C 221 -21.93 -20.75 -3.41
CA PRO C 221 -20.56 -21.22 -3.37
C PRO C 221 -20.40 -22.34 -4.36
N PRO C 222 -19.15 -22.84 -4.54
CA PRO C 222 -18.91 -23.94 -5.47
C PRO C 222 -19.69 -25.12 -4.93
N PRO C 223 -20.21 -26.00 -5.82
CA PRO C 223 -20.97 -27.18 -5.43
C PRO C 223 -20.34 -28.06 -4.34
N GLY C 224 -21.08 -28.23 -3.24
CA GLY C 224 -20.61 -29.03 -2.13
C GLY C 224 -19.88 -28.25 -1.06
N HIS C 225 -20.00 -26.93 -1.08
CA HIS C 225 -19.35 -26.07 -0.09
C HIS C 225 -20.32 -25.05 0.41
N LYS C 226 -19.95 -24.39 1.51
CA LYS C 226 -20.78 -23.35 2.12
C LYS C 226 -19.92 -22.15 2.46
N TRP C 227 -20.54 -20.97 2.49
CA TRP C 227 -19.82 -19.78 2.85
C TRP C 227 -19.67 -19.84 4.35
N LYS C 228 -18.71 -19.10 4.88
CA LYS C 228 -18.49 -19.04 6.31
C LYS C 228 -19.70 -18.35 6.92
N GLU C 229 -20.22 -17.35 6.22
CA GLU C 229 -21.34 -16.57 6.70
C GLU C 229 -21.86 -15.67 5.58
N VAL C 230 -23.03 -15.09 5.79
CA VAL C 230 -23.60 -14.20 4.83
C VAL C 230 -24.19 -13.06 5.62
N ARG C 231 -23.58 -11.89 5.54
CA ARG C 231 -24.19 -10.78 6.25
C ARG C 231 -24.76 -9.70 5.32
N HIS C 232 -25.70 -8.94 5.87
CA HIS C 232 -26.38 -7.89 5.15
C HIS C 232 -26.08 -6.66 5.97
N ASP C 233 -24.83 -6.22 5.87
CA ASP C 233 -24.34 -5.03 6.58
C ASP C 233 -24.24 -3.90 5.59
N ASN C 234 -25.05 -2.87 5.76
CA ASN C 234 -24.98 -1.78 4.81
C ASN C 234 -24.20 -0.58 5.33
N LYS C 235 -23.43 -0.82 6.39
CA LYS C 235 -22.57 0.22 6.96
C LYS C 235 -21.13 0.04 6.47
N VAL C 236 -20.89 -1.01 5.69
CA VAL C 236 -19.56 -1.33 5.17
C VAL C 236 -19.52 -1.32 3.63
N THR C 237 -18.33 -1.25 3.07
CA THR C 237 -18.17 -1.17 1.63
C THR C 237 -17.69 -2.45 0.96
N TRP C 238 -17.35 -3.44 1.75
CA TRP C 238 -16.87 -4.70 1.20
C TRP C 238 -17.93 -5.69 0.81
N LEU C 239 -17.61 -6.51 -0.19
CA LEU C 239 -18.52 -7.51 -0.72
C LEU C 239 -18.14 -8.86 -0.15
N VAL C 240 -16.85 -9.03 0.09
CA VAL C 240 -16.33 -10.29 0.61
C VAL C 240 -15.19 -10.05 1.59
N SER C 241 -14.99 -11.00 2.50
CA SER C 241 -13.87 -10.91 3.42
C SER C 241 -13.55 -12.26 3.97
N TRP C 242 -12.30 -12.42 4.38
CA TRP C 242 -11.81 -13.68 4.92
C TRP C 242 -10.60 -13.32 5.77
N THR C 243 -10.29 -14.14 6.77
CA THR C 243 -9.13 -13.86 7.62
C THR C 243 -7.87 -14.49 7.03
N GLU C 244 -6.85 -13.66 6.89
CA GLU C 244 -5.57 -14.09 6.36
C GLU C 244 -4.82 -14.80 7.52
N ASN C 245 -4.26 -15.98 7.25
CA ASN C 245 -3.57 -16.78 8.27
C ASN C 245 -2.23 -16.32 8.83
N ILE C 246 -1.41 -15.69 8.02
CA ILE C 246 -0.10 -15.27 8.50
C ILE C 246 -0.08 -14.14 9.53
N GLN C 247 -0.91 -13.12 9.37
CA GLN C 247 -0.98 -12.00 10.33
C GLN C 247 -2.23 -12.17 11.20
N GLY C 248 -3.26 -12.80 10.64
CA GLY C 248 -4.51 -12.98 11.35
C GLY C 248 -5.39 -11.76 11.17
N SER C 249 -5.21 -11.08 10.03
CA SER C 249 -5.96 -9.88 9.67
C SER C 249 -7.08 -10.22 8.65
N ILE C 250 -8.08 -9.35 8.54
CA ILE C 250 -9.18 -9.59 7.60
C ILE C 250 -8.85 -9.03 6.22
N LYS C 251 -9.08 -9.83 5.18
CA LYS C 251 -8.86 -9.39 3.80
C LYS C 251 -10.23 -9.16 3.18
N TYR C 252 -10.36 -8.13 2.36
CA TYR C 252 -11.64 -7.84 1.72
C TYR C 252 -11.54 -7.75 0.22
N ILE C 253 -12.68 -7.88 -0.42
CA ILE C 253 -12.74 -7.71 -1.85
C ILE C 253 -13.62 -6.48 -2.02
N MET C 254 -13.04 -5.38 -2.48
CA MET C 254 -13.80 -4.15 -2.63
C MET C 254 -13.94 -3.60 -4.05
N LEU C 255 -14.76 -2.57 -4.15
CA LEU C 255 -15.00 -1.95 -5.42
C LEU C 255 -13.83 -1.22 -5.98
N ASN C 256 -14.03 -0.81 -7.22
CA ASN C 256 -13.11 -0.07 -8.06
C ASN C 256 -13.06 1.43 -7.76
N PRO C 257 -11.91 2.06 -8.03
CA PRO C 257 -11.75 3.49 -7.79
C PRO C 257 -12.85 4.33 -8.47
N SER C 258 -13.29 3.87 -9.64
CA SER C 258 -14.31 4.58 -10.39
C SER C 258 -15.72 4.32 -9.81
N SER C 259 -15.81 3.42 -8.84
CA SER C 259 -17.10 3.14 -8.25
C SER C 259 -17.54 4.39 -7.52
N ARG C 260 -18.83 4.51 -7.28
CA ARG C 260 -19.35 5.64 -6.56
C ARG C 260 -18.78 5.67 -5.15
N ILE C 261 -18.94 4.55 -4.48
CA ILE C 261 -18.50 4.38 -3.12
C ILE C 261 -17.05 4.78 -2.94
N LYS C 262 -16.22 4.52 -3.94
CA LYS C 262 -14.82 4.88 -3.84
C LYS C 262 -14.61 6.34 -4.21
N GLY C 263 -15.19 6.77 -5.32
CA GLY C 263 -15.05 8.15 -5.77
C GLY C 263 -15.56 9.18 -4.78
N GLU C 264 -16.69 8.90 -4.15
CA GLU C 264 -17.24 9.83 -3.20
C GLU C 264 -16.24 10.08 -2.07
N LYS C 265 -15.62 9.02 -1.58
CA LYS C 265 -14.67 9.14 -0.49
C LYS C 265 -13.49 10.02 -0.90
N ASP C 266 -13.01 9.77 -2.11
CA ASP C 266 -11.89 10.49 -2.70
C ASP C 266 -12.17 11.98 -2.78
N TRP C 267 -13.37 12.31 -3.23
CA TRP C 267 -13.82 13.69 -3.36
C TRP C 267 -13.80 14.31 -1.99
N GLN C 268 -14.38 13.59 -1.04
CA GLN C 268 -14.47 14.05 0.32
C GLN C 268 -13.05 14.34 0.87
N LYS C 269 -12.14 13.40 0.64
CA LYS C 269 -10.74 13.47 1.07
C LYS C 269 -10.07 14.79 0.68
N TYR C 270 -10.33 15.25 -0.54
CA TYR C 270 -9.73 16.51 -0.96
C TYR C 270 -10.41 17.72 -0.34
N GLU C 271 -11.70 17.58 -0.11
CA GLU C 271 -12.47 18.62 0.51
C GLU C 271 -11.88 18.87 1.87
N THR C 272 -11.69 17.79 2.60
CA THR C 272 -11.14 17.83 3.95
C THR C 272 -9.79 18.53 3.99
N ALA C 273 -8.99 18.33 2.95
CA ALA C 273 -7.68 18.93 2.80
C ALA C 273 -7.81 20.40 2.41
N ARG C 274 -8.92 20.73 1.75
CA ARG C 274 -9.18 22.11 1.34
C ARG C 274 -9.57 22.94 2.55
N ARG C 275 -10.28 22.30 3.48
CA ARG C 275 -10.70 22.96 4.69
C ARG C 275 -9.49 23.25 5.57
N LEU C 276 -8.47 22.40 5.48
CA LEU C 276 -7.26 22.59 6.25
C LEU C 276 -6.52 23.80 5.72
N LYS C 277 -6.65 24.04 4.42
CA LYS C 277 -6.00 25.16 3.78
C LYS C 277 -6.40 26.43 4.49
N LYS C 278 -7.61 26.42 5.01
CA LYS C 278 -8.13 27.58 5.69
C LYS C 278 -7.64 27.85 7.11
N CYS C 279 -7.40 26.79 7.87
CA CYS C 279 -6.95 26.97 9.25
C CYS C 279 -5.55 26.48 9.58
N VAL C 280 -4.75 26.25 8.55
CA VAL C 280 -3.40 25.77 8.78
C VAL C 280 -2.59 26.87 9.46
N ASP C 281 -2.87 28.11 9.08
CA ASP C 281 -2.17 29.26 9.63
C ASP C 281 -2.45 29.40 11.11
N LYS C 282 -3.69 29.12 11.49
CA LYS C 282 -4.10 29.16 12.88
C LYS C 282 -3.35 28.02 13.55
N ILE C 283 -3.41 26.87 12.90
CA ILE C 283 -2.77 25.65 13.37
C ILE C 283 -1.24 25.73 13.44
N ARG C 284 -0.62 26.38 12.47
CA ARG C 284 0.83 26.47 12.50
C ARG C 284 1.29 27.45 13.57
N ASN C 285 0.50 28.49 13.82
CA ASN C 285 0.82 29.48 14.84
C ASN C 285 0.67 28.87 16.21
N GLN C 286 -0.41 28.12 16.39
CA GLN C 286 -0.68 27.49 17.66
C GLN C 286 0.37 26.46 18.13
N TYR C 287 0.80 25.56 17.24
CA TYR C 287 1.79 24.61 17.68
C TYR C 287 3.13 25.30 17.77
N ARG C 288 3.33 26.35 16.98
CA ARG C 288 4.58 27.08 16.99
C ARG C 288 4.84 27.72 18.34
N GLU C 289 3.76 27.99 19.07
CA GLU C 289 3.85 28.56 20.40
C GLU C 289 3.88 27.41 21.45
N ASP C 290 3.31 26.26 21.09
CA ASP C 290 3.32 25.12 21.99
C ASP C 290 4.77 24.61 22.16
N TRP C 291 5.66 25.08 21.28
CA TRP C 291 7.08 24.69 21.32
C TRP C 291 7.68 25.21 22.59
N LYS C 292 7.00 26.15 23.21
CA LYS C 292 7.46 26.74 24.46
C LYS C 292 6.52 26.42 25.63
N SER C 293 5.70 25.39 25.48
CA SER C 293 4.78 24.99 26.54
C SER C 293 5.65 24.58 27.70
N LYS C 294 5.13 24.74 28.91
CA LYS C 294 5.87 24.34 30.10
C LYS C 294 5.53 22.87 30.34
N GLU C 295 5.05 22.20 29.28
CA GLU C 295 4.69 20.80 29.32
C GLU C 295 5.32 20.07 28.14
N MET C 296 6.15 19.08 28.44
CA MET C 296 6.82 18.33 27.40
C MET C 296 5.85 17.58 26.48
N LYS C 297 4.76 17.07 27.04
CA LYS C 297 3.77 16.35 26.22
C LYS C 297 3.36 17.27 25.08
N VAL C 298 3.00 18.48 25.48
CA VAL C 298 2.55 19.48 24.54
C VAL C 298 3.64 19.83 23.52
N ARG C 299 4.88 19.77 23.95
CA ARG C 299 5.98 20.06 23.05
C ARG C 299 6.28 18.90 22.13
N GLN C 300 6.28 17.69 22.67
CA GLN C 300 6.54 16.50 21.87
C GLN C 300 5.57 16.45 20.72
N ARG C 301 4.31 16.74 21.00
CA ARG C 301 3.31 16.69 19.94
C ARG C 301 3.39 17.85 18.97
N ALA C 302 3.84 19.01 19.43
CA ALA C 302 3.95 20.17 18.55
C ALA C 302 5.14 20.05 17.61
N VAL C 303 6.19 19.37 18.07
CA VAL C 303 7.36 19.17 17.23
C VAL C 303 7.02 18.08 16.21
N ALA C 304 6.23 17.12 16.68
CA ALA C 304 5.78 16.03 15.83
C ALA C 304 4.84 16.64 14.78
N LEU C 305 3.85 17.41 15.22
CA LEU C 305 2.95 18.02 14.24
C LEU C 305 3.76 18.90 13.30
N TYR C 306 4.86 19.45 13.81
CA TYR C 306 5.73 20.27 12.99
C TYR C 306 6.29 19.47 11.83
N PHE C 307 6.93 18.35 12.14
CA PHE C 307 7.53 17.49 11.12
C PHE C 307 6.53 16.96 10.13
N ILE C 308 5.40 16.54 10.66
CA ILE C 308 4.37 15.99 9.83
C ILE C 308 3.96 17.04 8.82
N ASP C 309 3.77 18.26 9.31
CA ASP C 309 3.35 19.36 8.48
C ASP C 309 4.42 19.75 7.50
N LYS C 310 5.59 20.13 8.00
CA LYS C 310 6.65 20.55 7.11
C LYS C 310 7.23 19.45 6.24
N LEU C 311 7.55 18.30 6.83
CA LEU C 311 8.17 17.19 6.09
C LEU C 311 7.31 16.14 5.42
N ALA C 312 6.04 16.09 5.78
CA ALA C 312 5.06 15.14 5.24
C ALA C 312 5.27 13.74 5.77
N LEU C 313 5.83 13.62 6.97
CA LEU C 313 6.07 12.34 7.60
C LEU C 313 4.73 11.70 7.95
N ARG C 314 4.64 10.38 7.93
CA ARG C 314 3.41 9.67 8.26
C ARG C 314 3.23 9.63 9.77
N ALA C 315 1.96 9.57 10.19
CA ALA C 315 1.62 9.53 11.61
C ALA C 315 2.62 8.68 12.41
N GLY C 316 2.86 7.45 11.96
CA GLY C 316 3.79 6.60 12.65
C GLY C 316 3.16 5.86 13.80
N ASN C 317 2.33 4.87 13.46
CA ASN C 317 1.66 4.01 14.44
C ASN C 317 2.64 2.94 14.96
N GLU C 318 2.35 2.38 16.13
CA GLU C 318 3.24 1.37 16.67
C GLU C 318 3.06 0.00 16.03
N LYS C 319 4.19 -0.64 15.73
CA LYS C 319 4.22 -1.96 15.11
C LYS C 319 4.56 -3.02 16.16
N GLU C 320 3.87 -4.17 16.10
CA GLU C 320 4.11 -5.26 17.05
C GLU C 320 5.58 -5.71 17.11
N GLU C 321 6.12 -5.55 18.31
CA GLU C 321 7.50 -5.91 18.66
C GLU C 321 7.96 -7.33 18.25
N GLY C 322 8.69 -7.42 17.14
CA GLY C 322 9.17 -8.71 16.67
C GLY C 322 8.19 -9.50 15.82
N GLU C 323 7.29 -8.81 15.13
CA GLU C 323 6.31 -9.49 14.29
C GLU C 323 6.13 -8.81 12.93
N THR C 324 6.74 -7.64 12.77
CA THR C 324 6.71 -6.84 11.52
C THR C 324 8.16 -6.38 11.25
N ALA C 325 8.38 -5.68 10.13
CA ALA C 325 9.72 -5.17 9.85
C ALA C 325 9.83 -3.92 10.71
N ASP C 326 11.05 -3.49 10.99
CA ASP C 326 11.23 -2.31 11.83
C ASP C 326 11.23 -1.04 10.98
N THR C 327 10.06 -0.48 10.78
CA THR C 327 9.91 0.77 10.04
C THR C 327 9.32 1.75 11.03
N VAL C 328 9.53 3.05 10.82
CA VAL C 328 8.99 4.02 11.76
C VAL C 328 8.42 5.22 11.06
N GLY C 329 7.52 5.90 11.76
CA GLY C 329 6.87 7.10 11.24
C GLY C 329 7.26 8.27 12.12
N CYS C 330 6.49 9.32 12.13
CA CYS C 330 6.87 10.43 12.93
C CYS C 330 6.82 10.11 14.43
N CYS C 331 5.67 9.68 14.91
CA CYS C 331 5.48 9.39 16.31
C CYS C 331 6.39 8.34 16.91
N SER C 332 6.60 7.29 16.14
CA SER C 332 7.40 6.15 16.54
C SER C 332 8.90 6.35 16.42
N LEU C 333 9.33 7.47 15.87
CA LEU C 333 10.77 7.68 15.74
C LEU C 333 11.53 7.38 17.02
N ARG C 334 12.68 6.75 16.88
CA ARG C 334 13.51 6.45 18.04
C ARG C 334 14.70 7.40 18.08
N VAL C 335 15.30 7.54 19.26
CA VAL C 335 16.45 8.40 19.49
C VAL C 335 17.54 8.22 18.45
N GLU C 336 17.78 6.98 18.07
CA GLU C 336 18.81 6.69 17.08
C GLU C 336 18.53 7.20 15.67
N HIS C 337 17.29 7.63 15.38
CA HIS C 337 16.92 8.08 14.03
C HIS C 337 17.21 9.51 13.65
N ILE C 338 17.62 10.32 14.61
CA ILE C 338 17.95 11.69 14.27
C ILE C 338 19.24 12.10 14.91
N ASN C 339 19.99 12.91 14.19
CA ASN C 339 21.25 13.44 14.66
C ASN C 339 21.15 14.92 14.46
N LEU C 340 21.43 15.64 15.55
CA LEU C 340 21.40 17.09 15.57
C LEU C 340 22.80 17.59 15.35
N HIS C 341 22.89 18.74 14.70
CA HIS C 341 24.19 19.34 14.46
C HIS C 341 24.01 20.85 14.54
N PRO C 342 24.61 21.47 15.55
CA PRO C 342 24.52 22.92 15.73
C PRO C 342 24.74 23.65 14.43
N GLU C 343 25.70 23.17 13.65
CA GLU C 343 26.01 23.75 12.36
C GLU C 343 26.47 22.58 11.56
N LEU C 344 25.99 22.48 10.33
CA LEU C 344 26.35 21.38 9.45
C LEU C 344 26.41 21.87 8.02
N ASP C 345 27.56 21.66 7.39
CA ASP C 345 27.79 22.07 6.00
C ASP C 345 27.43 23.56 5.80
N GLY C 346 27.70 24.34 6.84
CA GLY C 346 27.42 25.76 6.83
C GLY C 346 26.09 26.07 7.52
N GLN C 347 25.11 25.24 7.23
CA GLN C 347 23.78 25.39 7.80
C GLN C 347 23.83 25.31 9.34
N GLU C 348 22.85 25.95 9.97
CA GLU C 348 22.77 25.97 11.44
C GLU C 348 21.45 25.42 11.94
N TYR C 349 21.54 24.55 12.95
CA TYR C 349 20.39 23.88 13.57
C TYR C 349 19.83 22.81 12.62
N VAL C 350 20.69 21.87 12.27
CA VAL C 350 20.34 20.81 11.36
C VAL C 350 20.05 19.48 12.01
N VAL C 351 18.84 19.01 11.78
CA VAL C 351 18.38 17.74 12.30
C VAL C 351 18.55 16.79 11.15
N GLU C 352 19.28 15.71 11.37
CA GLU C 352 19.50 14.74 10.32
C GLU C 352 18.69 13.47 10.56
N PHE C 353 17.71 13.23 9.69
CA PHE C 353 16.85 12.05 9.78
C PHE C 353 17.42 10.89 8.97
N ASP C 354 17.40 9.72 9.53
CA ASP C 354 17.86 8.55 8.80
C ASP C 354 17.09 7.38 9.39
N PHE C 355 16.10 6.90 8.62
CA PHE C 355 15.22 5.78 9.01
C PHE C 355 14.51 5.11 7.81
N LEU C 356 13.90 3.95 8.06
CA LEU C 356 13.18 3.23 7.02
C LEU C 356 11.71 3.44 7.23
N GLY C 357 11.10 4.15 6.30
CA GLY C 357 9.68 4.42 6.38
C GLY C 357 8.92 3.19 5.93
N LYS C 358 7.66 3.39 5.55
CA LYS C 358 6.76 2.34 5.07
C LYS C 358 7.45 1.55 3.98
N ASP C 359 7.24 0.23 3.95
CA ASP C 359 7.86 -0.67 2.96
C ASP C 359 9.38 -0.72 3.11
N SER C 360 9.89 -0.28 4.27
CA SER C 360 11.32 -0.29 4.52
C SER C 360 12.10 0.57 3.58
N ILE C 361 11.40 1.51 2.95
CA ILE C 361 12.03 2.46 2.08
C ILE C 361 12.73 3.47 2.99
N ARG C 362 13.92 3.86 2.60
CA ARG C 362 14.69 4.79 3.40
C ARG C 362 14.36 6.26 3.22
N TYR C 363 14.18 6.95 4.35
CA TYR C 363 13.95 8.39 4.30
C TYR C 363 15.20 9.03 4.89
N TYR C 364 16.05 9.61 4.05
CA TYR C 364 17.24 10.26 4.58
C TYR C 364 17.11 11.75 4.30
N ASN C 365 17.50 12.59 5.23
CA ASN C 365 17.40 14.02 4.99
C ASN C 365 18.02 14.83 6.11
N LYS C 366 18.57 15.99 5.73
CA LYS C 366 19.20 16.96 6.64
C LYS C 366 18.31 18.19 6.56
N VAL C 367 17.66 18.51 7.68
CA VAL C 367 16.73 19.61 7.69
C VAL C 367 17.12 20.75 8.60
N PRO C 368 17.19 21.95 8.05
CA PRO C 368 17.54 23.12 8.85
C PRO C 368 16.27 23.55 9.60
N VAL C 369 16.20 23.25 10.89
CA VAL C 369 15.04 23.61 11.69
C VAL C 369 15.19 24.91 12.51
N GLU C 370 14.08 25.39 13.06
CA GLU C 370 14.06 26.59 13.87
C GLU C 370 14.63 26.27 15.25
N LYS C 371 15.60 27.09 15.68
CA LYS C 371 16.30 26.94 16.96
C LYS C 371 15.50 26.30 18.07
N ARG C 372 14.32 26.87 18.39
CA ARG C 372 13.47 26.37 19.46
C ARG C 372 13.13 24.90 19.30
N VAL C 373 12.91 24.48 18.07
CA VAL C 373 12.60 23.11 17.79
C VAL C 373 13.86 22.27 17.93
N PHE C 374 14.96 22.77 17.41
CA PHE C 374 16.23 22.06 17.51
C PHE C 374 16.56 21.74 18.97
N LYS C 375 16.36 22.74 19.83
CA LYS C 375 16.61 22.63 21.27
C LYS C 375 15.66 21.65 21.95
N ASN C 376 14.38 21.76 21.61
CA ASN C 376 13.39 20.86 22.17
C ASN C 376 13.88 19.46 21.86
N LEU C 377 14.32 19.25 20.62
CA LEU C 377 14.80 17.94 20.21
C LEU C 377 15.93 17.43 21.07
N GLN C 378 16.74 18.34 21.62
CA GLN C 378 17.85 17.92 22.48
C GLN C 378 17.28 17.57 23.85
N LEU C 379 16.28 18.33 24.26
CA LEU C 379 15.62 18.14 25.55
C LEU C 379 14.99 16.76 25.57
N PHE C 380 14.48 16.34 24.42
CA PHE C 380 13.85 15.04 24.27
C PHE C 380 14.82 13.89 24.22
N MET C 381 16.09 14.16 23.90
CA MET C 381 17.10 13.09 23.82
C MET C 381 17.81 12.77 25.12
N GLU C 382 17.77 13.71 26.04
CA GLU C 382 18.45 13.54 27.30
C GLU C 382 18.09 12.28 28.07
N ASN C 383 19.12 11.62 28.60
CA ASN C 383 19.01 10.40 29.41
C ASN C 383 18.38 9.19 28.72
N LYS C 384 18.27 9.25 27.40
CA LYS C 384 17.68 8.16 26.62
C LYS C 384 18.72 7.31 25.90
N GLN C 385 18.36 6.06 25.67
CA GLN C 385 19.24 5.13 24.98
C GLN C 385 18.86 5.17 23.51
N PRO C 386 19.77 4.76 22.61
CA PRO C 386 19.51 4.77 21.16
C PRO C 386 18.17 4.14 20.76
N GLU C 387 17.83 3.05 21.44
CA GLU C 387 16.59 2.32 21.18
C GLU C 387 15.38 3.00 21.79
N ASP C 388 15.58 4.11 22.50
CA ASP C 388 14.45 4.79 23.11
C ASP C 388 13.64 5.63 22.14
N ASP C 389 12.40 5.96 22.53
CA ASP C 389 11.51 6.77 21.72
C ASP C 389 11.81 8.25 21.84
N LEU C 390 11.82 8.93 20.71
CA LEU C 390 12.09 10.34 20.71
C LEU C 390 10.91 10.99 21.41
N PHE C 391 9.74 10.74 20.88
CA PHE C 391 8.53 11.32 21.39
C PHE C 391 7.82 10.43 22.36
N ASP C 392 8.49 10.04 23.43
CA ASP C 392 7.83 9.24 24.45
C ASP C 392 6.70 10.16 24.93
N ARG C 393 5.78 9.66 25.74
CA ARG C 393 4.69 10.50 26.22
C ARG C 393 3.83 11.05 25.06
N LEU C 394 3.90 10.41 23.89
CA LEU C 394 3.14 10.84 22.73
C LEU C 394 2.87 9.75 21.69
N ASN C 395 1.65 9.74 21.17
CA ASN C 395 1.29 8.77 20.13
C ASN C 395 0.31 9.37 19.15
N THR C 396 0.03 8.59 18.12
CA THR C 396 -0.87 8.97 17.04
C THR C 396 -2.31 9.20 17.55
N GLY C 397 -2.71 8.43 18.55
CA GLY C 397 -4.03 8.60 19.13
C GLY C 397 -4.12 9.97 19.77
N ILE C 398 -3.08 10.31 20.49
CA ILE C 398 -2.99 11.59 21.17
C ILE C 398 -2.95 12.72 20.15
N LEU C 399 -2.06 12.59 19.18
CA LEU C 399 -1.88 13.61 18.15
C LEU C 399 -3.12 13.92 17.35
N ASN C 400 -3.72 12.88 16.78
CA ASN C 400 -4.94 13.04 15.98
C ASN C 400 -6.13 13.51 16.80
N LYS C 401 -6.18 13.06 18.05
CA LYS C 401 -7.23 13.43 18.98
C LYS C 401 -7.18 14.95 19.07
N HIS C 402 -5.97 15.45 19.17
CA HIS C 402 -5.76 16.86 19.27
C HIS C 402 -6.19 17.56 18.01
N LEU C 403 -5.73 17.04 16.87
CA LEU C 403 -6.03 17.59 15.55
C LEU C 403 -7.51 17.75 15.33
N GLN C 404 -8.27 16.72 15.72
CA GLN C 404 -9.72 16.70 15.59
C GLN C 404 -10.39 17.82 16.40
N ASP C 405 -9.83 18.15 17.56
CA ASP C 405 -10.39 19.22 18.38
C ASP C 405 -10.21 20.54 17.67
N LEU C 406 -9.16 20.63 16.85
CA LEU C 406 -8.87 21.84 16.11
C LEU C 406 -9.69 22.00 14.82
N MET C 407 -10.02 20.88 14.21
CA MET C 407 -10.82 20.87 13.00
C MET C 407 -11.39 19.47 12.84
N GLU C 408 -12.69 19.42 12.67
CA GLU C 408 -13.37 18.16 12.51
C GLU C 408 -12.90 17.46 11.24
N GLY C 409 -12.45 16.22 11.36
CA GLY C 409 -11.97 15.44 10.24
C GLY C 409 -10.50 15.61 9.97
N LEU C 410 -9.81 16.34 10.83
CA LEU C 410 -8.41 16.54 10.60
C LEU C 410 -7.60 15.43 11.22
N THR C 411 -6.66 14.91 10.45
CA THR C 411 -5.75 13.86 10.88
C THR C 411 -4.41 14.08 10.22
N ALA C 412 -3.40 13.40 10.76
CA ALA C 412 -2.03 13.47 10.27
C ALA C 412 -1.94 13.39 8.76
N LYS C 413 -2.58 12.38 8.20
CA LYS C 413 -2.53 12.17 6.78
C LYS C 413 -3.08 13.33 5.95
N VAL C 414 -4.04 14.06 6.52
CA VAL C 414 -4.63 15.18 5.80
C VAL C 414 -3.57 16.22 5.44
N PHE C 415 -2.55 16.33 6.29
CA PHE C 415 -1.50 17.29 6.01
C PHE C 415 -0.75 16.92 4.73
N ARG C 416 -0.43 15.64 4.58
CA ARG C 416 0.28 15.17 3.39
C ARG C 416 -0.45 15.47 2.06
N THR C 417 -1.74 15.13 2.02
CA THR C 417 -2.59 15.37 0.85
C THR C 417 -2.57 16.86 0.55
N TYR C 418 -2.93 17.65 1.57
CA TYR C 418 -2.95 19.10 1.48
C TYR C 418 -1.63 19.68 1.00
N ASN C 419 -0.54 19.28 1.64
CA ASN C 419 0.76 19.79 1.26
C ASN C 419 1.12 19.43 -0.14
N ALA C 420 0.71 18.25 -0.57
CA ALA C 420 0.99 17.78 -1.93
C ALA C 420 0.16 18.55 -2.94
N SER C 421 -1.12 18.66 -2.64
CA SER C 421 -2.06 19.34 -3.51
C SER C 421 -1.74 20.81 -3.64
N ILE C 422 -1.45 21.48 -2.52
CA ILE C 422 -1.11 22.89 -2.54
C ILE C 422 0.21 23.17 -3.29
N THR C 423 1.11 22.18 -3.22
CA THR C 423 2.42 22.23 -3.87
C THR C 423 2.30 22.16 -5.40
N LEU C 424 1.57 21.16 -5.89
CA LEU C 424 1.35 20.99 -7.32
C LEU C 424 0.67 22.21 -7.97
N GLN C 425 -0.35 22.77 -7.32
CA GLN C 425 -1.07 23.94 -7.86
C GLN C 425 -0.21 25.17 -7.91
N GLN C 426 0.62 25.33 -6.89
CA GLN C 426 1.50 26.48 -6.80
C GLN C 426 2.52 26.39 -7.94
N GLN C 427 3.07 25.20 -8.15
CA GLN C 427 4.06 24.95 -9.21
C GLN C 427 3.52 24.98 -10.63
N LEU C 428 2.28 24.53 -10.82
CA LEU C 428 1.63 24.54 -12.13
C LEU C 428 1.34 25.96 -12.54
N LYS C 429 1.27 26.82 -11.54
CA LYS C 429 1.02 28.20 -11.84
C LYS C 429 2.38 28.91 -11.98
N GLU C 430 3.44 28.38 -11.37
CA GLU C 430 4.77 29.00 -11.46
C GLU C 430 5.69 28.54 -12.61
N LEU C 431 5.62 27.27 -12.95
CA LEU C 431 6.47 26.77 -14.01
C LEU C 431 5.78 26.70 -15.38
N THR C 432 4.47 26.80 -15.40
CA THR C 432 3.78 26.72 -16.67
C THR C 432 3.92 27.96 -17.53
N ALA C 433 4.77 27.87 -18.54
CA ALA C 433 5.02 28.98 -19.46
C ALA C 433 3.72 29.28 -20.19
N PRO C 434 3.32 30.58 -20.24
CA PRO C 434 2.09 31.03 -20.91
C PRO C 434 2.05 30.73 -22.40
N ASP C 435 3.15 31.01 -23.09
CA ASP C 435 3.20 30.77 -24.52
C ASP C 435 4.01 29.52 -24.90
N GLU C 436 4.03 28.53 -24.01
CA GLU C 436 4.75 27.29 -24.28
C GLU C 436 3.87 26.41 -25.18
N ASN C 437 4.29 25.17 -25.35
CA ASN C 437 3.56 24.23 -26.20
C ASN C 437 3.17 23.01 -25.40
N ILE C 438 2.07 22.39 -25.81
CA ILE C 438 1.55 21.20 -25.14
C ILE C 438 2.63 20.29 -24.58
N PRO C 439 3.57 19.81 -25.41
CA PRO C 439 4.64 18.94 -24.92
C PRO C 439 5.47 19.56 -23.81
N ALA C 440 5.97 20.78 -24.02
CA ALA C 440 6.78 21.45 -22.99
C ALA C 440 5.95 21.78 -21.76
N LYS C 441 4.70 22.15 -21.97
CA LYS C 441 3.81 22.42 -20.85
C LYS C 441 3.53 21.11 -20.15
N ILE C 442 3.74 20.02 -20.88
CA ILE C 442 3.55 18.70 -20.29
C ILE C 442 4.79 18.37 -19.46
N LEU C 443 5.94 18.85 -19.92
CA LEU C 443 7.15 18.65 -19.16
C LEU C 443 7.03 19.52 -17.93
N SER C 444 6.46 20.71 -18.09
CA SER C 444 6.25 21.63 -16.97
C SER C 444 5.45 20.89 -15.90
N TYR C 445 4.34 20.29 -16.34
CA TYR C 445 3.48 19.52 -15.46
C TYR C 445 4.34 18.49 -14.74
N ASN C 446 5.08 17.70 -15.51
CA ASN C 446 5.93 16.67 -14.95
C ASN C 446 6.93 17.15 -13.93
N ARG C 447 7.45 18.35 -14.10
CA ARG C 447 8.41 18.92 -13.15
C ARG C 447 7.64 19.28 -11.88
N ALA C 448 6.48 19.92 -12.05
CA ALA C 448 5.63 20.30 -10.92
C ALA C 448 5.16 19.04 -10.20
N ASN C 449 4.90 18.02 -10.99
CA ASN C 449 4.44 16.72 -10.53
C ASN C 449 5.55 16.02 -9.72
N ARG C 450 6.79 16.14 -10.17
CA ARG C 450 7.92 15.51 -9.47
C ARG C 450 8.31 16.22 -8.18
N ALA C 451 8.05 17.52 -8.08
CA ALA C 451 8.38 18.28 -6.86
C ALA C 451 7.62 17.70 -5.66
N VAL C 452 6.49 17.10 -5.96
CA VAL C 452 5.63 16.52 -4.98
C VAL C 452 6.09 15.13 -4.56
N ALA C 453 6.37 14.28 -5.55
CA ALA C 453 6.83 12.91 -5.36
C ALA C 453 8.07 12.89 -4.49
N ILE C 454 8.77 14.02 -4.45
CA ILE C 454 9.98 14.18 -3.67
C ILE C 454 9.60 14.50 -2.23
N LEU C 455 8.54 15.27 -2.06
CA LEU C 455 8.06 15.63 -0.74
C LEU C 455 7.60 14.39 0.03
N CYS C 456 6.83 13.53 -0.64
CA CYS C 456 6.32 12.30 -0.03
C CYS C 456 7.34 11.19 0.08
N ASN C 457 8.43 11.30 -0.68
CA ASN C 457 9.50 10.30 -0.69
C ASN C 457 9.02 9.06 -1.43
N HIS C 458 8.39 9.28 -2.57
CA HIS C 458 7.90 8.17 -3.39
C HIS C 458 9.01 7.60 -4.25
N GLN C 459 9.31 6.33 -4.03
CA GLN C 459 10.38 5.65 -4.76
C GLN C 459 9.98 4.33 -5.40
N ARG C 460 10.16 4.26 -6.71
CA ARG C 460 9.91 3.04 -7.48
C ARG C 460 11.32 2.46 -7.54
N ALA C 461 11.54 1.50 -8.41
CA ALA C 461 12.86 0.92 -8.55
C ALA C 461 12.99 0.35 -9.95
N GLN C 539 14.27 6.00 -9.65
CA GLN C 539 13.86 6.07 -8.20
C GLN C 539 12.58 6.87 -7.97
N ILE C 540 12.63 8.18 -8.18
CA ILE C 540 11.47 9.05 -7.98
C ILE C 540 10.24 8.64 -8.79
N ALA C 541 9.30 8.01 -8.10
CA ALA C 541 8.06 7.53 -8.67
C ALA C 541 7.02 8.64 -8.55
N LEU C 542 6.34 8.94 -9.66
CA LEU C 542 5.33 10.01 -9.71
C LEU C 542 3.90 9.46 -9.68
N GLY C 543 3.77 8.16 -9.92
CA GLY C 543 2.47 7.53 -9.94
C GLY C 543 1.57 7.72 -8.75
N THR C 544 2.05 7.42 -7.55
CA THR C 544 1.22 7.53 -6.36
C THR C 544 0.68 8.91 -6.07
N SER C 545 1.53 9.94 -6.11
CA SER C 545 1.05 11.29 -5.85
C SER C 545 -0.03 11.65 -6.89
N LYS C 546 0.27 11.34 -8.14
CA LYS C 546 -0.63 11.59 -9.26
C LYS C 546 -1.95 10.87 -9.07
N LEU C 547 -1.92 9.77 -8.34
CA LEU C 547 -3.14 9.01 -8.13
C LEU C 547 -3.74 9.11 -6.73
N ASN C 548 -2.93 9.42 -5.73
CA ASN C 548 -3.38 9.43 -4.35
C ASN C 548 -3.38 10.71 -3.58
N PHE C 549 -2.48 11.66 -3.86
CA PHE C 549 -2.40 12.92 -3.09
C PHE C 549 -2.77 14.24 -3.73
N LEU C 550 -2.90 14.25 -5.04
CA LEU C 550 -3.21 15.49 -5.73
C LEU C 550 -4.66 15.59 -6.18
N ASP C 551 -5.31 16.65 -5.75
CA ASP C 551 -6.69 16.91 -6.10
C ASP C 551 -6.79 16.96 -7.60
N PRO C 552 -7.48 15.98 -8.17
CA PRO C 552 -7.66 15.89 -9.62
C PRO C 552 -8.19 17.18 -10.24
N ARG C 553 -9.07 17.86 -9.53
CA ARG C 553 -9.62 19.12 -10.03
C ARG C 553 -8.52 20.11 -10.35
N ILE C 554 -7.37 19.96 -9.70
CA ILE C 554 -6.22 20.85 -9.96
C ILE C 554 -5.68 20.71 -11.39
N THR C 555 -5.50 19.47 -11.82
CA THR C 555 -4.99 19.17 -13.13
C THR C 555 -6.04 19.40 -14.18
N VAL C 556 -7.28 19.07 -13.87
CA VAL C 556 -8.40 19.23 -14.79
C VAL C 556 -8.48 20.69 -15.18
N ALA C 557 -8.43 21.55 -14.16
CA ALA C 557 -8.50 22.99 -14.37
C ALA C 557 -7.39 23.39 -15.32
N TRP C 558 -6.16 23.24 -14.85
CA TRP C 558 -4.94 23.55 -15.59
C TRP C 558 -5.03 23.09 -17.06
N CYS C 559 -5.48 21.86 -17.27
CA CYS C 559 -5.61 21.31 -18.61
C CYS C 559 -6.55 22.19 -19.38
N LYS C 560 -7.76 22.34 -18.85
CA LYS C 560 -8.77 23.18 -19.48
C LYS C 560 -8.27 24.61 -19.76
N LYS C 561 -7.63 25.21 -18.76
CA LYS C 561 -7.08 26.56 -18.91
C LYS C 561 -6.06 26.66 -20.06
N TRP C 562 -5.10 25.74 -20.07
CA TRP C 562 -4.04 25.76 -21.07
C TRP C 562 -4.34 25.06 -22.38
N GLY C 563 -5.53 24.47 -22.47
CA GLY C 563 -5.90 23.77 -23.68
C GLY C 563 -5.11 22.50 -23.88
N VAL C 564 -4.58 21.96 -22.79
CA VAL C 564 -3.84 20.71 -22.82
C VAL C 564 -4.89 19.64 -22.58
N PRO C 565 -5.10 18.73 -23.55
CA PRO C 565 -6.09 17.66 -23.42
C PRO C 565 -5.79 16.76 -22.22
N ILE C 566 -6.81 16.49 -21.42
CA ILE C 566 -6.63 15.68 -20.21
C ILE C 566 -6.09 14.30 -20.51
N GLU C 567 -6.36 13.84 -21.73
CA GLU C 567 -5.90 12.54 -22.18
C GLU C 567 -4.39 12.56 -22.27
N LYS C 568 -3.82 13.74 -22.39
CA LYS C 568 -2.39 13.88 -22.47
C LYS C 568 -1.74 13.69 -21.11
N ILE C 569 -2.52 13.92 -20.06
CA ILE C 569 -1.99 13.77 -18.71
C ILE C 569 -2.48 12.53 -18.00
N TYR C 570 -3.79 12.37 -17.95
CA TYR C 570 -4.34 11.21 -17.30
C TYR C 570 -4.68 10.21 -18.39
N ASN C 571 -4.42 8.93 -18.12
CA ASN C 571 -4.77 7.90 -19.08
C ASN C 571 -6.23 7.52 -18.81
N LYS C 572 -6.79 6.69 -19.70
CA LYS C 572 -8.17 6.25 -19.60
C LYS C 572 -8.69 5.81 -18.22
N THR C 573 -7.88 5.05 -17.49
CA THR C 573 -8.28 4.60 -16.15
C THR C 573 -8.27 5.77 -15.20
N GLN C 574 -7.21 6.57 -15.28
CA GLN C 574 -7.06 7.77 -14.45
C GLN C 574 -8.28 8.65 -14.70
N ARG C 575 -8.72 8.67 -15.95
CA ARG C 575 -9.89 9.45 -16.32
C ARG C 575 -11.16 8.79 -15.77
N GLU C 576 -11.16 7.46 -15.64
CA GLU C 576 -12.32 6.75 -15.09
C GLU C 576 -12.40 7.13 -13.63
N LYS C 577 -11.26 7.00 -12.96
CA LYS C 577 -11.17 7.33 -11.56
C LYS C 577 -11.58 8.78 -11.30
N PHE C 578 -10.86 9.73 -11.88
CA PHE C 578 -11.06 11.18 -11.70
C PHE C 578 -12.20 11.83 -12.48
N ALA C 579 -13.04 11.01 -13.06
CA ALA C 579 -14.19 11.45 -13.83
C ALA C 579 -14.99 12.53 -13.10
N TRP C 580 -15.20 12.34 -11.81
CA TRP C 580 -15.95 13.31 -11.05
C TRP C 580 -15.30 14.67 -11.15
N ALA C 581 -13.97 14.68 -11.13
CA ALA C 581 -13.22 15.92 -11.23
C ALA C 581 -13.24 16.47 -12.65
N ILE C 582 -13.08 15.58 -13.63
CA ILE C 582 -13.07 15.98 -15.03
C ILE C 582 -14.41 16.53 -15.50
N ASP C 583 -15.37 16.61 -14.60
CA ASP C 583 -16.63 17.16 -14.99
C ASP C 583 -17.00 18.34 -14.13
N MET C 584 -16.70 18.25 -12.84
CA MET C 584 -17.08 19.32 -11.93
C MET C 584 -16.03 20.38 -11.60
N ALA C 585 -14.95 20.46 -12.38
CA ALA C 585 -13.94 21.47 -12.10
C ALA C 585 -13.59 22.22 -13.36
N ASP C 586 -13.56 23.54 -13.29
CA ASP C 586 -13.23 24.33 -14.47
C ASP C 586 -12.03 25.25 -14.32
N GLU C 587 -11.80 26.00 -15.38
CA GLU C 587 -10.70 26.95 -15.49
C GLU C 587 -10.62 27.97 -14.36
N ASP C 588 -11.50 27.84 -13.38
CA ASP C 588 -11.47 28.76 -12.26
C ASP C 588 -11.27 28.02 -10.95
N TYR C 589 -10.81 26.76 -11.03
CA TYR C 589 -10.58 25.95 -9.83
C TYR C 589 -9.32 26.26 -9.09
N GLU C 590 -9.49 26.55 -7.81
CA GLU C 590 -8.39 26.88 -6.94
C GLU C 590 -8.60 26.09 -5.66
N PHE C 591 -7.67 25.18 -5.39
CA PHE C 591 -7.71 24.36 -4.17
C PHE C 591 -7.60 25.35 -2.98
#